data_7U43
#
_entry.id   7U43
#
_cell.length_a   99.586
_cell.length_b   101.710
_cell.length_c   134.339
_cell.angle_alpha   98.642
_cell.angle_beta   109.491
_cell.angle_gamma   101.440
#
_symmetry.space_group_name_H-M   'P 1'
#
loop_
_entity.id
_entity.type
_entity.pdbx_description
1 polymer 'DNA (31-MER)'
2 polymer "DNA (5'-D(P*TP*TP*TP*AP*GP*CP*AP*TP*AP*GP*TP*GP*AP*GP*TP*CP*GP*TP*GP*GP*CP*TP*CP*T)-3')"
3 polymer "DNA (5'-D(P*TP*GP*TP*GP*CP*TP*TP*GP*CP*GP*TP*CP*GP*CP*TP*TP*GP*TP*GP*GP*CP*TP*GP*C)-3')"
4 polymer "DNA (5'-D(P*GP*AP*GP*CP*AP*GP*CP*CP*TP*GP*TP*AP*CP*GP*GP*AP*CP*AP*TP*CP*A)-3')"
5 polymer "DNA (5'-D(P*AP*CP*TP*GP*AP*TP*GP*TP*GP*GP*TP*AP*GP*G)-3')"
6 polymer 'DNA (31-MER)'
7 polymer "DNA (5'-D(*TP*AP*CP*AP*CP*CP*GP*AP*TP*CP*AP*CP*CP*TP*GP*CP*CP*AP*CP*CP*G)-3')"
8 polymer "DNA (5'-D(P*GP*TP*CP*TP*CP*TP*GP*CP*TP*AP*CP*TP*AP*CP*GP*TP*CP*AP*GP*CP*A)-3')"
9 polymer "DNA (5'-D(P*TP*CP*TP*GP*CP*TP*GP*AP*CP*GP*TP*AP*GP*TP*AP*GP*CP*AP*GP*AP*G)-3')"
#
loop_
_entity_poly.entity_id
_entity_poly.type
_entity_poly.pdbx_seq_one_letter_code
_entity_poly.pdbx_strand_id
1 'polydeoxyribonucleotide'
;(DC)(DA)(DA)(DG)(DA)(DG)(DC)(DC)(DT)(DG)(DA)(DT)(DC)(DG)(DG)(DA)(DC)(DA)(DA)(DG)
(DC)(DG)(DA)(DC)(DG)(DC)(DA)(DA)(DG)(DC)(DA)
;
A
2 'polydeoxyribonucleotide'
;(DT)(DT)(DT)(DA)(DG)(DC)(DA)(DT)(DA)(DG)(DT)(DG)(DA)(DG)(DT)(DC)(DG)(DT)(DG)(DG)
(DC)(DT)(DC)(DT)
;
E
3 'polydeoxyribonucleotide'
;(DT)(DG)(DT)(DG)(DC)(DT)(DT)(DG)(DC)(DG)(DT)(DC)(DG)(DC)(DT)(DT)(DG)(DT)(DG)(DG)
(DC)(DT)(DG)(DC)
;
D
4 'polydeoxyribonucleotide'
;(DG)(DA)(DG)(DC)(DA)(DG)(DC)(DC)(DT)(DG)(DT)(DA)(DC)(DG)(DG)(DA)(DC)(DA)(DT)(DC)
(DA)
;
B
5 'polydeoxyribonucleotide' (DA)(DC)(DT)(DG)(DA)(DT)(DG)(DT)(DG)(DG)(DT)(DA)(DG)(DG) F
6 'polydeoxyribonucleotide'
;(DA)(DA)(DC)(DC)(DT)(DA)(DC)(DC)(DT)(DG)(DG)(DC)(DA)(DG)(DG)(DA)(DC)(DG)(DA)(DC)
(DT)(DC)(DA)(DC)(DT)(DA)(DT)(DG)(DC)(DT)(DA)
;
C
7 'polydeoxyribonucleotide'
;(DT)(DA)(DC)(DA)(DC)(DC)(DG)(DA)(DT)(DC)(DA)(DC)(DC)(DT)(DG)(DC)(DC)(DA)(DC)(DC)
(DG)
;
M
8 'polydeoxyribonucleotide'
;(DG)(DT)(DC)(DT)(DC)(DT)(DG)(DC)(DT)(DA)(DC)(DT)(DA)(DC)(DG)(DT)(DC)(DA)(DG)(DC)
(DA)
;
X
9 'polydeoxyribonucleotide'
;(DT)(DC)(DT)(DG)(DC)(DT)(DG)(DA)(DC)(DG)(DT)(DA)(DG)(DT)(DA)(DG)(DC)(DA)(DG)(DA)
(DG)
;
Y
#